data_2FEA
#
_entry.id   2FEA
#
_cell.length_a   59.013
_cell.length_b   43.104
_cell.length_c   109.553
_cell.angle_alpha   90.000
_cell.angle_beta   98.910
_cell.angle_gamma   90.000
#
_symmetry.space_group_name_H-M   'P 1 21 1'
#
loop_
_entity.id
_entity.type
_entity.pdbx_description
1 polymer '2-hydroxy-3-keto-5-methylthiopentenyl-1-phosphate phosphatase'
2 non-polymer 'MAGNESIUM ION'
3 non-polymer 'ZINC ION'
4 non-polymer 1,2-ETHANEDIOL
5 water water
#
_entity_poly.entity_id   1
_entity_poly.type   'polypeptide(L)'
_entity_poly.pdbx_seq_one_letter_code
;G(MSE)TTRKPFIICDFDGTIT(MSE)NDNIINI(MSE)KTFAPPEW(MSE)ALKDGVLSKTLSIKEGVGR(MSE)FGLL
PSSLKEEITSFVLEDAKIREGFREFVAFINEHEIPFYVISGG(MSE)DFFVYPLLEGIVEKDRIYCNHASFDNDYIHIDW
PHSCKGTCSNQCGCCKPSVIHELSEPNQYII(MSE)IGDSVTDVEAAKLSDLCFARDYLLNECREQNLNHLPYQDFYEIR
KEIENVKEVQEWLQNKNAGESSLK
;
_entity_poly.pdbx_strand_id   A,B
#
loop_
_chem_comp.id
_chem_comp.type
_chem_comp.name
_chem_comp.formula
EDO non-polymer 1,2-ETHANEDIOL 'C2 H6 O2'
MG non-polymer 'MAGNESIUM ION' 'Mg 2'
ZN non-polymer 'ZINC ION' 'Zn 2'
#
# COMPACT_ATOMS: atom_id res chain seq x y z
C THR A 3 4.71 17.92 29.84
N THR A 4 5.15 16.67 29.79
CA THR A 4 5.13 15.91 28.55
C THR A 4 3.80 15.21 28.29
N ARG A 5 3.65 14.76 27.06
CA ARG A 5 2.44 14.20 26.55
C ARG A 5 2.67 12.73 26.35
N LYS A 6 1.91 11.90 27.05
CA LYS A 6 2.03 10.45 26.97
C LYS A 6 1.49 9.93 25.63
N PRO A 7 2.26 9.07 24.94
CA PRO A 7 1.74 8.48 23.72
C PRO A 7 0.57 7.55 23.98
N PHE A 8 -0.36 7.52 23.04
CA PHE A 8 -1.52 6.66 23.08
C PHE A 8 -1.78 6.13 21.66
N ILE A 9 -1.62 4.81 21.50
CA ILE A 9 -1.56 4.20 20.19
C ILE A 9 -2.77 3.30 19.92
N ILE A 10 -3.47 3.59 18.83
CA ILE A 10 -4.52 2.66 18.37
C ILE A 10 -4.18 2.20 16.98
N CYS A 11 -4.51 0.95 16.72
CA CYS A 11 -4.08 0.27 15.52
C CYS A 11 -5.20 -0.59 14.93
N ASP A 12 -5.47 -0.49 13.63
CA ASP A 12 -6.49 -1.31 12.99
C ASP A 12 -5.91 -2.71 12.86
N PHE A 13 -6.77 -3.67 12.54
CA PHE A 13 -6.31 -5.04 12.35
C PHE A 13 -6.24 -5.46 10.86
N ASP A 14 -7.38 -5.80 10.25
CA ASP A 14 -7.42 -6.27 8.83
C ASP A 14 -6.70 -5.26 7.97
N GLY A 15 -5.70 -5.69 7.22
CA GLY A 15 -5.01 -4.78 6.25
C GLY A 15 -3.93 -3.89 6.86
N THR A 16 -3.87 -3.87 8.18
CA THR A 16 -2.90 -3.05 8.91
C THR A 16 -1.95 -4.02 9.62
N ILE A 17 -2.48 -4.79 10.56
CA ILE A 17 -1.67 -5.82 11.23
C ILE A 17 -1.46 -7.03 10.34
N THR A 18 -2.51 -7.41 9.63
CA THR A 18 -2.41 -8.39 8.57
C THR A 18 -2.20 -7.74 7.22
N MSE A 19 -1.59 -8.47 6.30
CA MSE A 19 -1.33 -7.99 4.94
C MSE A 19 -2.59 -7.73 4.10
O MSE A 19 -2.59 -6.88 3.23
CB MSE A 19 -0.44 -8.99 4.20
CG MSE A 19 0.85 -9.40 4.95
SE MSE A 19 1.92 -7.83 5.20
CE MSE A 19 2.47 -7.67 3.39
N ASN A 20 -3.67 -8.44 4.43
CA ASN A 20 -4.93 -8.46 3.65
C ASN A 20 -6.12 -8.21 4.54
N ASP A 21 -7.23 -7.94 3.88
CA ASP A 21 -8.52 -7.73 4.51
C ASP A 21 -9.18 -9.10 4.65
N ASN A 22 -9.22 -9.62 5.87
CA ASN A 22 -9.73 -10.98 6.12
C ASN A 22 -11.24 -11.12 5.84
N ILE A 23 -11.99 -10.03 6.00
CA ILE A 23 -13.43 -10.04 5.71
C ILE A 23 -13.62 -10.24 4.22
N ILE A 24 -12.91 -9.47 3.43
CA ILE A 24 -12.96 -9.60 1.95
C ILE A 24 -12.57 -10.99 1.48
N ASN A 25 -11.50 -11.51 2.04
CA ASN A 25 -11.00 -12.85 1.63
C ASN A 25 -11.98 -13.95 2.04
N ILE A 26 -12.56 -13.84 3.22
CA ILE A 26 -13.67 -14.74 3.58
C ILE A 26 -14.75 -14.68 2.53
N MSE A 27 -15.20 -13.49 2.17
CA MSE A 27 -16.29 -13.38 1.18
C MSE A 27 -15.91 -13.95 -0.21
O MSE A 27 -16.68 -14.71 -0.83
CB MSE A 27 -16.77 -11.94 1.08
CG MSE A 27 -17.29 -11.33 2.38
SE MSE A 27 -18.72 -12.33 3.16
CE MSE A 27 -18.29 -12.05 4.94
N LYS A 28 -14.71 -13.62 -0.71
CA LYS A 28 -14.30 -14.16 -2.03
C LYS A 28 -14.28 -15.69 -2.03
N THR A 29 -13.98 -16.26 -0.88
CA THR A 29 -13.79 -17.69 -0.75
C THR A 29 -15.11 -18.42 -0.52
N PHE A 30 -16.01 -17.84 0.28
CA PHE A 30 -17.20 -18.60 0.68
C PHE A 30 -18.55 -18.01 0.30
N ALA A 31 -18.61 -16.70 -0.02
CA ALA A 31 -19.90 -15.98 -0.21
C ALA A 31 -20.36 -16.00 -1.67
N PRO A 32 -21.68 -15.94 -1.91
CA PRO A 32 -22.12 -15.79 -3.29
C PRO A 32 -21.83 -14.33 -3.75
N PRO A 33 -21.80 -14.06 -5.06
CA PRO A 33 -21.44 -12.78 -5.69
C PRO A 33 -22.18 -11.57 -5.15
N GLU A 34 -23.36 -11.75 -4.59
CA GLU A 34 -24.09 -10.66 -3.93
C GLU A 34 -23.29 -9.90 -2.88
N TRP A 35 -22.29 -10.55 -2.25
CA TRP A 35 -21.47 -9.88 -1.25
C TRP A 35 -20.84 -8.59 -1.86
N MSE A 36 -20.50 -8.62 -3.15
CA MSE A 36 -19.88 -7.47 -3.81
C MSE A 36 -20.81 -6.29 -3.85
O MSE A 36 -20.35 -5.15 -3.73
CB MSE A 36 -19.37 -7.84 -5.21
CG MSE A 36 -18.19 -8.77 -5.16
SE MSE A 36 -17.60 -9.28 -6.92
CE MSE A 36 -19.02 -10.46 -7.43
N ALA A 37 -22.11 -6.53 -4.00
CA ALA A 37 -23.06 -5.42 -4.01
C ALA A 37 -23.17 -4.78 -2.62
N LEU A 38 -23.12 -5.59 -1.58
CA LEU A 38 -23.08 -5.11 -0.20
C LEU A 38 -21.80 -4.31 0.10
N LYS A 39 -20.66 -4.83 -0.34
CA LYS A 39 -19.40 -4.10 -0.23
C LYS A 39 -19.47 -2.73 -0.91
N ASP A 40 -19.98 -2.71 -2.15
CA ASP A 40 -20.13 -1.48 -2.91
C ASP A 40 -21.10 -0.49 -2.28
N GLY A 41 -22.15 -0.99 -1.63
CA GLY A 41 -23.04 -0.13 -0.88
C GLY A 41 -22.36 0.51 0.32
N VAL A 42 -21.44 -0.19 0.97
CA VAL A 42 -20.71 0.37 2.11
C VAL A 42 -19.73 1.44 1.57
N LEU A 43 -19.08 1.13 0.45
CA LEU A 43 -18.18 2.04 -0.22
C LEU A 43 -18.83 3.33 -0.65
N SER A 44 -20.04 3.22 -1.20
CA SER A 44 -20.79 4.39 -1.69
C SER A 44 -21.51 5.15 -0.57
N LYS A 45 -21.52 4.58 0.63
CA LYS A 45 -22.23 5.06 1.81
C LYS A 45 -23.72 4.89 1.72
N THR A 46 -24.13 3.96 0.87
CA THR A 46 -25.51 3.54 0.80
C THR A 46 -25.88 2.68 1.99
N LEU A 47 -24.96 1.86 2.46
CA LEU A 47 -25.16 1.01 3.65
C LEU A 47 -24.14 1.43 4.66
N SER A 48 -24.53 1.43 5.93
CA SER A 48 -23.58 1.59 7.02
C SER A 48 -22.63 0.40 7.08
N ILE A 49 -21.48 0.57 7.71
CA ILE A 49 -20.58 -0.53 7.96
C ILE A 49 -21.30 -1.69 8.68
N LYS A 50 -22.01 -1.34 9.74
CA LYS A 50 -22.70 -2.30 10.55
C LYS A 50 -23.68 -3.09 9.65
N GLU A 51 -24.49 -2.38 8.89
CA GLU A 51 -25.49 -3.03 8.03
C GLU A 51 -24.87 -3.89 6.92
N GLY A 52 -23.85 -3.36 6.24
CA GLY A 52 -23.18 -4.06 5.14
C GLY A 52 -22.40 -5.29 5.57
N VAL A 53 -21.58 -5.13 6.59
CA VAL A 53 -20.80 -6.25 7.12
C VAL A 53 -21.72 -7.28 7.72
N GLY A 54 -22.77 -6.86 8.39
CA GLY A 54 -23.71 -7.79 8.99
C GLY A 54 -24.36 -8.65 7.91
N ARG A 55 -24.81 -7.96 6.85
CA ARG A 55 -25.45 -8.63 5.72
C ARG A 55 -24.49 -9.52 4.94
N MSE A 56 -23.20 -9.15 4.88
CA MSE A 56 -22.23 -9.97 4.21
C MSE A 56 -22.03 -11.27 4.95
O MSE A 56 -22.10 -12.34 4.33
CB MSE A 56 -20.89 -9.24 4.05
CG MSE A 56 -20.88 -8.29 2.90
SE MSE A 56 -19.13 -7.27 2.95
CE MSE A 56 -19.71 -5.79 3.31
N PHE A 57 -21.76 -11.21 6.26
CA PHE A 57 -21.63 -12.47 7.05
C PHE A 57 -22.93 -13.29 7.08
N GLY A 58 -24.06 -12.60 7.01
CA GLY A 58 -25.35 -13.24 7.01
C GLY A 58 -25.68 -14.03 5.75
N LEU A 59 -24.84 -13.91 4.72
CA LEU A 59 -24.92 -14.77 3.53
C LEU A 59 -24.40 -16.17 3.78
N LEU A 60 -23.63 -16.33 4.86
CA LEU A 60 -22.85 -17.56 5.09
C LEU A 60 -23.53 -18.43 6.13
N PRO A 61 -23.83 -19.70 5.78
CA PRO A 61 -24.30 -20.68 6.76
C PRO A 61 -23.32 -20.85 7.93
N SER A 62 -23.85 -20.91 9.15
CA SER A 62 -23.05 -21.16 10.32
C SER A 62 -22.36 -22.49 10.25
N SER A 63 -22.87 -23.43 9.43
CA SER A 63 -22.21 -24.73 9.28
C SER A 63 -20.81 -24.59 8.70
N LEU A 64 -20.46 -23.41 8.19
CA LEU A 64 -19.11 -23.17 7.67
C LEU A 64 -18.07 -22.76 8.72
N LYS A 65 -18.46 -22.64 9.98
CA LYS A 65 -17.58 -22.13 11.05
C LYS A 65 -16.13 -22.61 10.95
N GLU A 66 -15.91 -23.92 10.95
CA GLU A 66 -14.56 -24.46 10.99
C GLU A 66 -13.79 -24.26 9.69
N GLU A 67 -14.44 -24.40 8.54
CA GLU A 67 -13.80 -24.13 7.26
C GLU A 67 -13.35 -22.67 7.13
N ILE A 68 -14.19 -21.76 7.59
CA ILE A 68 -13.86 -20.35 7.54
C ILE A 68 -12.71 -20.07 8.49
N THR A 69 -12.83 -20.52 9.73
CA THR A 69 -11.77 -20.32 10.72
C THR A 69 -10.45 -20.86 10.24
N SER A 70 -10.49 -22.06 9.70
CA SER A 70 -9.31 -22.75 9.16
CA SER A 70 -9.29 -22.72 9.20
C SER A 70 -8.70 -21.96 8.02
N PHE A 71 -9.56 -21.52 7.10
CA PHE A 71 -9.14 -20.68 5.97
C PHE A 71 -8.42 -19.43 6.45
N VAL A 72 -9.01 -18.69 7.38
CA VAL A 72 -8.43 -17.41 7.76
C VAL A 72 -7.07 -17.52 8.47
N LEU A 73 -6.98 -18.49 9.39
CA LEU A 73 -5.76 -18.67 10.17
C LEU A 73 -4.58 -19.12 9.32
N GLU A 74 -4.86 -19.82 8.21
CA GLU A 74 -3.79 -20.23 7.30
CA GLU A 74 -3.82 -20.24 7.26
C GLU A 74 -3.56 -19.18 6.21
N ASP A 75 -4.57 -18.36 5.93
CA ASP A 75 -4.47 -17.32 4.92
C ASP A 75 -3.78 -16.06 5.45
N ALA A 76 -4.11 -15.69 6.68
CA ALA A 76 -3.70 -14.40 7.24
C ALA A 76 -2.23 -14.42 7.60
N LYS A 77 -1.54 -13.33 7.26
CA LYS A 77 -0.12 -13.13 7.58
C LYS A 77 0.06 -11.78 8.27
N ILE A 78 0.85 -11.80 9.35
CA ILE A 78 1.08 -10.63 10.17
C ILE A 78 2.20 -9.85 9.54
N ARG A 79 2.04 -8.53 9.54
CA ARG A 79 2.97 -7.64 8.90
C ARG A 79 4.28 -7.64 9.71
N GLU A 80 5.39 -7.64 9.00
CA GLU A 80 6.74 -7.70 9.58
C GLU A 80 6.97 -6.62 10.63
N GLY A 81 7.58 -7.01 11.74
CA GLY A 81 7.92 -6.06 12.79
C GLY A 81 6.86 -5.88 13.85
N PHE A 82 5.70 -6.52 13.68
CA PHE A 82 4.60 -6.28 14.57
C PHE A 82 4.88 -6.73 16.02
N ARG A 83 5.39 -7.96 16.18
CA ARG A 83 5.78 -8.47 17.50
C ARG A 83 6.77 -7.58 18.25
N GLU A 84 7.82 -7.14 17.53
CA GLU A 84 8.83 -6.26 18.10
C GLU A 84 8.27 -4.90 18.48
N PHE A 85 7.29 -4.46 17.71
CA PHE A 85 6.58 -3.22 18.01
C PHE A 85 5.79 -3.33 19.31
N VAL A 86 5.07 -4.43 19.49
CA VAL A 86 4.29 -4.59 20.71
C VAL A 86 5.25 -4.74 21.93
N ALA A 87 6.39 -5.37 21.73
CA ALA A 87 7.41 -5.51 22.78
C ALA A 87 7.92 -4.14 23.21
N PHE A 88 8.10 -3.24 22.24
CA PHE A 88 8.50 -1.87 22.50
C PHE A 88 7.43 -1.08 23.28
N ILE A 89 6.17 -1.28 22.91
CA ILE A 89 5.00 -0.75 23.63
C ILE A 89 5.02 -1.18 25.08
N ASN A 90 5.20 -2.48 25.29
CA ASN A 90 5.23 -3.07 26.60
C ASN A 90 6.44 -2.56 27.40
N GLU A 91 7.59 -2.54 26.75
CA GLU A 91 8.83 -2.11 27.37
C GLU A 91 8.64 -0.72 27.98
N HIS A 92 7.89 0.14 27.28
CA HIS A 92 7.73 1.54 27.70
C HIS A 92 6.39 1.85 28.36
N GLU A 93 5.56 0.84 28.52
CA GLU A 93 4.25 1.02 29.12
C GLU A 93 3.43 2.08 28.39
N ILE A 94 3.47 2.03 27.06
CA ILE A 94 2.65 2.90 26.23
C ILE A 94 1.26 2.28 26.08
N PRO A 95 0.19 3.06 26.36
CA PRO A 95 -1.14 2.54 26.05
C PRO A 95 -1.27 2.17 24.55
N PHE A 96 -1.82 0.98 24.31
CA PHE A 96 -1.93 0.39 23.00
C PHE A 96 -3.25 -0.44 22.92
N TYR A 97 -3.99 -0.24 21.84
CA TYR A 97 -5.27 -0.90 21.57
C TYR A 97 -5.37 -1.22 20.10
N VAL A 98 -5.81 -2.44 19.84
CA VAL A 98 -6.20 -2.86 18.53
C VAL A 98 -7.74 -2.65 18.45
N ILE A 99 -8.16 -1.82 17.50
CA ILE A 99 -9.58 -1.49 17.29
C ILE A 99 -9.95 -1.81 15.86
N SER A 100 -10.88 -2.76 15.70
CA SER A 100 -11.05 -3.49 14.47
C SER A 100 -12.51 -3.84 14.23
N GLY A 101 -12.92 -3.78 12.96
CA GLY A 101 -14.23 -4.25 12.52
C GLY A 101 -14.33 -5.76 12.26
N GLY A 102 -13.22 -6.47 12.48
CA GLY A 102 -13.12 -7.91 12.30
C GLY A 102 -13.79 -8.66 13.41
N MSE A 103 -13.72 -9.97 13.32
CA MSE A 103 -14.40 -10.86 14.23
C MSE A 103 -13.42 -11.58 15.13
O MSE A 103 -12.38 -12.08 14.71
CB MSE A 103 -15.26 -11.87 13.46
CG MSE A 103 -16.16 -11.27 12.40
SE MSE A 103 -17.51 -10.23 13.24
CE MSE A 103 -17.59 -8.83 12.03
N ASP A 104 -13.77 -11.69 16.41
CA ASP A 104 -12.88 -12.28 17.35
C ASP A 104 -12.43 -13.72 17.01
N PHE A 105 -13.24 -14.47 16.24
CA PHE A 105 -12.90 -15.86 15.92
C PHE A 105 -11.66 -15.94 15.09
N PHE A 106 -11.26 -14.84 14.44
CA PHE A 106 -9.94 -14.80 13.82
C PHE A 106 -8.98 -13.79 14.45
N VAL A 107 -9.47 -12.66 14.96
CA VAL A 107 -8.58 -11.66 15.55
C VAL A 107 -7.89 -12.27 16.77
N TYR A 108 -8.65 -12.97 17.61
CA TYR A 108 -8.05 -13.45 18.87
C TYR A 108 -6.93 -14.46 18.57
N PRO A 109 -7.24 -15.53 17.81
CA PRO A 109 -6.14 -16.48 17.59
C PRO A 109 -4.94 -15.85 16.91
N LEU A 110 -5.17 -14.94 15.98
CA LEU A 110 -4.03 -14.33 15.29
C LEU A 110 -3.18 -13.44 16.22
N LEU A 111 -3.79 -12.90 17.28
CA LEU A 111 -3.05 -12.05 18.23
C LEU A 111 -2.61 -12.79 19.51
N GLU A 112 -2.93 -14.07 19.58
CA GLU A 112 -2.64 -14.85 20.78
C GLU A 112 -1.14 -14.85 21.06
N GLY A 113 -0.79 -14.59 22.31
CA GLY A 113 0.60 -14.52 22.72
C GLY A 113 1.26 -13.21 22.33
N ILE A 114 0.50 -12.27 21.76
CA ILE A 114 1.04 -10.96 21.40
C ILE A 114 0.22 -9.85 22.07
N VAL A 115 -1.07 -9.80 21.80
CA VAL A 115 -1.92 -8.74 22.36
C VAL A 115 -2.99 -9.36 23.27
N GLU A 116 -3.07 -8.85 24.53
CA GLU A 116 -4.09 -9.24 25.52
C GLU A 116 -5.47 -8.81 25.12
N LYS A 117 -6.45 -9.55 25.58
CA LYS A 117 -7.83 -9.34 25.18
C LYS A 117 -8.42 -8.01 25.66
N ASP A 118 -7.94 -7.44 26.76
CA ASP A 118 -8.42 -6.09 27.19
C ASP A 118 -7.91 -4.93 26.29
N ARG A 119 -6.96 -5.24 25.43
CA ARG A 119 -6.51 -4.34 24.39
C ARG A 119 -7.12 -4.56 23.04
N ILE A 120 -7.98 -5.57 22.89
CA ILE A 120 -8.58 -5.91 21.60
C ILE A 120 -10.08 -5.50 21.61
N TYR A 121 -10.43 -4.52 20.77
CA TYR A 121 -11.81 -4.08 20.57
C TYR A 121 -12.27 -4.51 19.18
N CYS A 122 -13.02 -5.62 19.12
CA CYS A 122 -13.54 -6.09 17.84
C CYS A 122 -14.93 -6.65 17.98
N ASN A 123 -15.50 -7.10 16.88
CA ASN A 123 -16.88 -7.59 16.87
C ASN A 123 -16.89 -9.05 17.12
N HIS A 124 -18.10 -9.57 17.34
CA HIS A 124 -18.27 -10.98 17.63
C HIS A 124 -19.16 -11.68 16.62
N ALA A 125 -18.65 -12.73 15.97
CA ALA A 125 -19.54 -13.56 15.12
C ALA A 125 -20.05 -14.79 15.87
N SER A 126 -21.37 -14.96 15.84
CA SER A 126 -22.07 -16.11 16.44
C SER A 126 -22.50 -17.14 15.37
N PHE A 127 -22.42 -18.43 15.71
CA PHE A 127 -22.67 -19.55 14.81
C PHE A 127 -23.83 -20.40 15.32
N ASP A 128 -24.63 -19.84 16.21
CA ASP A 128 -25.74 -20.57 16.82
C ASP A 128 -27.02 -20.58 15.96
N ASN A 129 -27.13 -19.68 14.98
CA ASN A 129 -28.27 -19.72 14.05
C ASN A 129 -27.87 -20.36 12.71
N ASP A 130 -28.84 -20.49 11.82
CA ASP A 130 -28.61 -21.09 10.49
C ASP A 130 -27.52 -20.33 9.72
N TYR A 131 -27.58 -19.01 9.81
CA TYR A 131 -26.59 -18.13 9.16
C TYR A 131 -25.83 -17.30 10.21
N ILE A 132 -24.58 -16.96 9.88
CA ILE A 132 -23.71 -16.25 10.84
C ILE A 132 -24.34 -14.94 11.29
N HIS A 133 -24.29 -14.71 12.59
CA HIS A 133 -24.88 -13.56 13.22
C HIS A 133 -23.76 -12.73 13.88
N ILE A 134 -23.79 -11.41 13.75
CA ILE A 134 -22.75 -10.52 14.35
C ILE A 134 -23.35 -9.80 15.59
N ASP A 135 -22.63 -9.80 16.69
CA ASP A 135 -22.91 -8.90 17.84
C ASP A 135 -21.87 -7.75 17.78
N TRP A 136 -22.24 -6.56 18.22
CA TRP A 136 -21.42 -5.34 18.03
C TRP A 136 -21.25 -4.71 19.43
N PRO A 137 -20.35 -5.25 20.25
CA PRO A 137 -20.28 -4.80 21.64
C PRO A 137 -19.67 -3.42 21.84
N HIS A 138 -19.08 -2.83 20.80
CA HIS A 138 -18.45 -1.53 20.91
C HIS A 138 -19.05 -0.54 19.94
N SER A 139 -20.37 -0.46 19.89
CA SER A 139 -21.01 0.40 18.91
C SER A 139 -21.04 1.88 19.37
N CYS A 140 -21.48 2.73 18.44
CA CYS A 140 -21.49 4.18 18.59
C CYS A 140 -22.13 4.68 19.87
N LYS A 141 -21.42 5.58 20.53
CA LYS A 141 -21.92 6.34 21.66
C LYS A 141 -21.57 7.82 21.46
N GLY A 142 -22.21 8.67 22.26
CA GLY A 142 -21.87 10.06 22.30
C GLY A 142 -22.23 10.74 21.01
N THR A 143 -21.21 11.33 20.38
CA THR A 143 -21.49 12.20 19.25
C THR A 143 -21.48 11.42 17.91
N CYS A 144 -21.16 10.13 17.93
CA CYS A 144 -21.16 9.36 16.68
C CYS A 144 -22.50 8.67 16.51
N SER A 145 -23.09 8.82 15.34
CA SER A 145 -24.33 8.13 15.01
C SER A 145 -24.23 7.50 13.61
N ASN A 146 -23.02 7.09 13.26
CA ASN A 146 -22.72 6.64 11.91
C ASN A 146 -22.87 5.12 11.67
N GLN A 147 -23.46 4.42 12.63
CA GLN A 147 -23.68 2.98 12.52
C GLN A 147 -22.41 2.21 12.10
N CYS A 148 -21.32 2.51 12.80
CA CYS A 148 -20.01 1.99 12.51
C CYS A 148 -19.87 0.51 12.80
N GLY A 149 -20.66 0.00 13.72
CA GLY A 149 -20.50 -1.37 14.25
C GLY A 149 -19.55 -1.45 15.41
N CYS A 150 -18.26 -1.47 15.10
CA CYS A 150 -17.23 -1.16 16.07
C CYS A 150 -16.87 0.33 15.86
N CYS A 151 -17.24 1.16 16.83
CA CYS A 151 -17.04 2.59 16.68
C CYS A 151 -15.68 3.03 17.20
N LYS A 152 -14.73 3.19 16.32
CA LYS A 152 -13.41 3.62 16.76
C LYS A 152 -13.35 4.97 17.44
N PRO A 153 -14.02 6.02 16.90
CA PRO A 153 -14.00 7.28 17.67
C PRO A 153 -14.52 7.13 19.11
N SER A 154 -15.64 6.42 19.29
CA SER A 154 -16.20 6.21 20.63
C SER A 154 -15.23 5.47 21.57
N VAL A 155 -14.56 4.44 21.06
CA VAL A 155 -13.56 3.74 21.86
C VAL A 155 -12.41 4.66 22.22
N ILE A 156 -11.92 5.43 21.27
CA ILE A 156 -10.81 6.37 21.53
C ILE A 156 -11.16 7.41 22.58
N HIS A 157 -12.37 7.98 22.47
CA HIS A 157 -12.78 8.95 23.47
C HIS A 157 -12.88 8.27 24.85
N GLU A 158 -13.48 7.09 24.91
CA GLU A 158 -13.59 6.32 26.15
C GLU A 158 -12.22 6.17 26.84
N LEU A 159 -11.20 5.78 26.07
CA LEU A 159 -9.94 5.26 26.64
C LEU A 159 -8.84 6.29 26.82
N SER A 160 -8.83 7.36 26.04
CA SER A 160 -7.70 8.25 26.07
C SER A 160 -7.89 9.27 27.19
N GLU A 161 -6.83 9.99 27.46
CA GLU A 161 -6.82 10.98 28.51
C GLU A 161 -6.33 12.32 28.00
N PRO A 162 -6.59 13.40 28.75
CA PRO A 162 -6.19 14.71 28.29
C PRO A 162 -4.69 14.84 28.00
N ASN A 163 -4.41 15.46 26.85
CA ASN A 163 -3.05 15.83 26.45
C ASN A 163 -2.19 14.71 25.89
N GLN A 164 -2.74 13.52 25.77
CA GLN A 164 -1.99 12.42 25.21
C GLN A 164 -1.64 12.71 23.75
N TYR A 165 -0.54 12.09 23.29
CA TYR A 165 -0.12 12.19 21.91
C TYR A 165 -0.69 10.94 21.23
N ILE A 166 -1.80 11.14 20.52
CA ILE A 166 -2.58 10.03 20.00
C ILE A 166 -2.04 9.68 18.62
N ILE A 167 -1.63 8.42 18.49
CA ILE A 167 -1.11 7.85 17.28
C ILE A 167 -2.10 6.80 16.75
N MSE A 168 -2.56 7.00 15.51
CA MSE A 168 -3.50 6.14 14.82
CA MSE A 168 -3.45 6.09 14.86
C MSE A 168 -2.70 5.39 13.75
O MSE A 168 -1.95 6.00 13.00
CB MSE A 168 -4.56 7.06 14.17
CB MSE A 168 -4.65 6.86 14.32
CG MSE A 168 -5.94 6.49 13.74
CG MSE A 168 -5.45 6.15 13.26
SE MSE A 168 -5.90 5.48 12.05
SE MSE A 168 -6.38 4.71 14.09
CE MSE A 168 -7.49 4.14 12.09
CE MSE A 168 -6.66 3.64 12.40
N ILE A 169 -2.90 4.09 13.64
CA ILE A 169 -2.25 3.28 12.59
C ILE A 169 -3.32 2.52 11.80
N GLY A 170 -3.35 2.73 10.49
CA GLY A 170 -4.44 2.18 9.73
C GLY A 170 -4.21 2.09 8.25
N ASP A 171 -5.27 1.62 7.57
CA ASP A 171 -5.28 1.50 6.10
C ASP A 171 -6.62 1.80 5.42
N SER A 172 -7.72 1.77 6.16
CA SER A 172 -9.06 1.84 5.55
C SER A 172 -9.56 3.24 5.53
N VAL A 173 -10.25 3.59 4.43
CA VAL A 173 -10.74 4.96 4.21
C VAL A 173 -11.83 5.27 5.25
N THR A 174 -12.49 4.23 5.73
CA THR A 174 -13.53 4.34 6.75
C THR A 174 -13.01 4.72 8.14
N ASP A 175 -11.69 4.71 8.32
CA ASP A 175 -11.08 5.11 9.59
C ASP A 175 -10.57 6.54 9.60
N VAL A 176 -10.99 7.36 8.63
CA VAL A 176 -10.64 8.76 8.63
C VAL A 176 -11.11 9.52 9.88
N GLU A 177 -12.26 9.19 10.43
CA GLU A 177 -12.67 9.92 11.66
C GLU A 177 -11.76 9.66 12.86
N ALA A 178 -11.32 8.41 13.01
CA ALA A 178 -10.27 8.10 13.97
C ALA A 178 -8.96 8.83 13.68
N ALA A 179 -8.57 8.93 12.41
CA ALA A 179 -7.32 9.62 12.08
C ALA A 179 -7.42 11.12 12.40
N LYS A 180 -8.61 11.69 12.27
CA LYS A 180 -8.78 13.13 12.56
C LYS A 180 -8.60 13.41 14.06
N LEU A 181 -8.87 12.39 14.88
CA LEU A 181 -8.65 12.47 16.34
C LEU A 181 -7.20 12.33 16.74
N SER A 182 -6.36 11.83 15.83
CA SER A 182 -4.95 11.57 16.14
C SER A 182 -4.14 12.82 15.98
N ASP A 183 -3.03 12.88 16.71
CA ASP A 183 -1.95 13.85 16.48
C ASP A 183 -0.97 13.39 15.37
N LEU A 184 -0.90 12.08 15.15
CA LEU A 184 -0.14 11.51 14.04
C LEU A 184 -0.82 10.25 13.56
N CYS A 185 -0.92 10.11 12.24
CA CYS A 185 -1.49 8.90 11.65
C CYS A 185 -0.45 8.18 10.78
N PHE A 186 -0.21 6.90 11.04
CA PHE A 186 0.53 6.06 10.14
C PHE A 186 -0.49 5.43 9.23
N ALA A 187 -0.33 5.68 7.94
CA ALA A 187 -1.36 5.37 6.96
C ALA A 187 -0.83 4.66 5.72
N ARG A 188 -1.60 3.69 5.26
CA ARG A 188 -1.41 3.06 3.95
C ARG A 188 -2.69 3.18 3.12
N ASP A 189 -2.56 2.87 1.82
CA ASP A 189 -3.72 2.69 0.94
C ASP A 189 -4.66 3.89 0.99
N TYR A 190 -5.97 3.69 1.00
CA TYR A 190 -6.88 4.85 0.83
C TYR A 190 -6.88 5.76 2.06
N LEU A 191 -6.56 5.23 3.24
CA LEU A 191 -6.38 6.09 4.41
C LEU A 191 -5.25 7.09 4.21
N LEU A 192 -4.16 6.65 3.56
CA LEU A 192 -3.04 7.53 3.26
C LEU A 192 -3.49 8.64 2.31
N ASN A 193 -4.31 8.30 1.31
CA ASN A 193 -4.80 9.33 0.41
C ASN A 193 -5.67 10.36 1.18
N GLU A 194 -6.46 9.85 2.13
CA GLU A 194 -7.36 10.72 2.90
C GLU A 194 -6.58 11.61 3.79
N CYS A 195 -5.55 11.08 4.44
CA CYS A 195 -4.68 11.96 5.26
C CYS A 195 -4.01 13.05 4.45
N ARG A 196 -3.52 12.69 3.27
CA ARG A 196 -2.89 13.70 2.40
C ARG A 196 -3.95 14.73 1.93
N GLU A 197 -5.11 14.24 1.55
CA GLU A 197 -6.20 15.11 1.07
C GLU A 197 -6.64 16.13 2.10
N GLN A 198 -6.88 15.67 3.33
CA GLN A 198 -7.40 16.50 4.41
C GLN A 198 -6.31 17.08 5.29
N ASN A 199 -5.06 16.98 4.83
CA ASN A 199 -3.92 17.55 5.54
CA ASN A 199 -3.90 17.53 5.54
C ASN A 199 -3.85 17.14 7.02
N LEU A 200 -4.01 15.84 7.28
CA LEU A 200 -3.80 15.27 8.59
C LEU A 200 -2.34 14.90 8.71
N ASN A 201 -1.71 15.29 9.82
CA ASN A 201 -0.31 14.94 10.11
C ASN A 201 -0.15 13.44 9.98
N HIS A 202 0.72 12.99 9.08
CA HIS A 202 0.80 11.56 8.82
C HIS A 202 2.17 11.12 8.32
N LEU A 203 2.33 9.80 8.28
CA LEU A 203 3.51 9.17 7.72
C LEU A 203 3.03 7.88 7.07
N PRO A 204 3.60 7.55 5.89
CA PRO A 204 3.34 6.26 5.26
C PRO A 204 4.14 5.20 6.02
N TYR A 205 3.89 3.92 5.75
CA TYR A 205 4.65 2.86 6.37
C TYR A 205 4.64 1.61 5.51
N GLN A 206 5.77 0.91 5.46
CA GLN A 206 5.83 -0.42 4.86
C GLN A 206 5.56 -1.52 5.85
N ASP A 207 6.07 -1.35 7.06
CA ASP A 207 5.96 -2.36 8.10
C ASP A 207 6.12 -1.75 9.46
N PHE A 208 6.02 -2.57 10.50
CA PHE A 208 6.05 -2.08 11.88
C PHE A 208 7.45 -1.83 12.42
N TYR A 209 8.47 -2.36 11.77
CA TYR A 209 9.85 -1.93 12.08
C TYR A 209 9.98 -0.43 11.79
N GLU A 210 9.53 -0.03 10.60
CA GLU A 210 9.51 1.37 10.23
C GLU A 210 8.63 2.21 11.20
N ILE A 211 7.47 1.71 11.59
CA ILE A 211 6.58 2.42 12.52
C ILE A 211 7.22 2.67 13.86
N ARG A 212 7.86 1.63 14.43
CA ARG A 212 8.53 1.75 15.71
C ARG A 212 9.64 2.78 15.64
N LYS A 213 10.50 2.66 14.65
CA LYS A 213 11.59 3.61 14.44
C LYS A 213 11.08 5.04 14.38
N GLU A 214 10.06 5.28 13.57
CA GLU A 214 9.52 6.64 13.43
C GLU A 214 8.89 7.15 14.72
N ILE A 215 8.20 6.26 15.42
CA ILE A 215 7.49 6.67 16.63
C ILE A 215 8.50 7.13 17.66
N GLU A 216 9.58 6.36 17.77
CA GLU A 216 10.64 6.62 18.75
C GLU A 216 11.24 8.01 18.54
N ASN A 217 11.39 8.40 17.28
CA ASN A 217 11.98 9.67 16.95
C ASN A 217 10.97 10.82 16.72
N VAL A 218 9.69 10.61 17.10
CA VAL A 218 8.74 11.73 17.20
C VAL A 218 9.17 12.55 18.41
N LYS A 219 9.29 13.86 18.21
CA LYS A 219 9.72 14.78 19.28
C LYS A 219 8.98 14.53 20.59
N GLU A 220 7.66 14.56 20.53
CA GLU A 220 6.84 14.46 21.73
C GLU A 220 7.01 13.11 22.45
N VAL A 221 7.24 12.05 21.68
CA VAL A 221 7.46 10.72 22.24
C VAL A 221 8.81 10.70 22.93
N GLN A 222 9.85 11.17 22.24
CA GLN A 222 11.21 11.26 22.85
C GLN A 222 11.22 12.01 24.18
N GLU A 223 10.60 13.18 24.20
CA GLU A 223 10.45 13.98 25.42
C GLU A 223 9.84 13.16 26.54
N TRP A 224 8.77 12.46 26.21
CA TRP A 224 8.09 11.63 27.19
C TRP A 224 9.02 10.52 27.71
N LEU A 225 9.74 9.87 26.80
CA LEU A 225 10.66 8.77 27.18
C LEU A 225 11.80 9.23 28.09
N GLN A 226 12.34 10.39 27.77
CA GLN A 226 13.53 10.90 28.46
C GLN A 226 13.23 11.41 29.86
N ASN A 227 11.99 11.28 30.32
CA ASN A 227 11.70 11.26 31.77
C ASN A 227 11.75 9.82 32.32
N LYS A 228 12.98 9.29 32.41
CA LYS A 228 13.26 7.98 33.02
C LYS A 228 14.78 7.76 33.15
N THR B 4 -9.41 4.65 -34.96
CA THR B 4 -9.44 5.16 -33.56
C THR B 4 -8.07 5.00 -32.91
N ARG B 5 -7.92 5.63 -31.76
CA ARG B 5 -6.65 5.65 -31.06
C ARG B 5 -6.33 4.30 -30.48
N LYS B 6 -5.07 3.92 -30.56
CA LYS B 6 -4.59 2.68 -30.03
C LYS B 6 -4.19 2.88 -28.57
N PRO B 7 -4.77 2.09 -27.65
CA PRO B 7 -4.31 2.10 -26.27
C PRO B 7 -2.84 1.73 -26.19
N PHE B 8 -2.10 2.47 -25.38
CA PHE B 8 -0.66 2.32 -25.24
C PHE B 8 -0.30 2.48 -23.76
N ILE B 9 0.18 1.41 -23.10
CA ILE B 9 0.37 1.42 -21.65
C ILE B 9 1.84 1.49 -21.21
N ILE B 10 2.11 2.42 -20.28
CA ILE B 10 3.39 2.52 -19.61
C ILE B 10 3.13 2.44 -18.11
N CYS B 11 4.00 1.74 -17.42
CA CYS B 11 3.75 1.29 -16.07
C CYS B 11 5.05 1.35 -15.27
N ASP B 12 4.98 1.97 -14.10
CA ASP B 12 6.11 2.00 -13.15
C ASP B 12 6.28 0.60 -12.54
N PHE B 13 7.47 0.31 -11.99
CA PHE B 13 7.73 -0.96 -11.37
C PHE B 13 7.55 -0.88 -9.84
N ASP B 14 8.58 -0.48 -9.12
CA ASP B 14 8.53 -0.42 -7.65
C ASP B 14 7.39 0.41 -7.12
N GLY B 15 6.59 -0.16 -6.21
CA GLY B 15 5.44 0.56 -5.62
C GLY B 15 4.18 0.50 -6.47
N THR B 16 4.33 0.12 -7.74
CA THR B 16 3.22 -0.04 -8.67
C THR B 16 3.01 -1.53 -8.94
N ILE B 17 3.91 -2.14 -9.71
CA ILE B 17 3.89 -3.61 -9.92
C ILE B 17 4.25 -4.34 -8.64
N THR B 18 5.23 -3.80 -7.90
CA THR B 18 5.53 -4.35 -6.60
C THR B 18 5.01 -3.52 -5.45
N MSE B 19 4.95 -4.14 -4.28
CA MSE B 19 4.47 -3.49 -3.07
C MSE B 19 5.59 -2.89 -2.21
O MSE B 19 5.38 -2.59 -1.04
CB MSE B 19 3.72 -4.54 -2.25
CG MSE B 19 2.89 -5.43 -3.18
SE MSE B 19 1.17 -5.59 -2.63
CE MSE B 19 1.53 -5.57 -0.57
N ASN B 20 6.80 -2.79 -2.73
CA ASN B 20 7.91 -2.31 -1.92
C ASN B 20 8.86 -1.48 -2.74
N ASP B 21 9.81 -0.85 -2.08
CA ASP B 21 10.91 -0.10 -2.74
C ASP B 21 12.12 -0.98 -2.63
N ASN B 22 12.50 -1.65 -3.72
CA ASN B 22 13.64 -2.57 -3.69
C ASN B 22 14.97 -1.94 -3.40
N ILE B 23 15.13 -0.69 -3.80
CA ILE B 23 16.37 -0.01 -3.63
C ILE B 23 16.59 0.22 -2.14
N ILE B 24 15.56 0.72 -1.46
CA ILE B 24 15.62 0.97 -0.05
C ILE B 24 15.81 -0.32 0.75
N ASN B 25 15.09 -1.35 0.38
CA ASN B 25 15.23 -2.63 1.05
C ASN B 25 16.62 -3.25 0.93
N ILE B 26 17.21 -3.12 -0.25
CA ILE B 26 18.60 -3.51 -0.44
C ILE B 26 19.53 -2.72 0.49
N MSE B 27 19.41 -1.39 0.47
CA MSE B 27 20.21 -0.55 1.38
C MSE B 27 19.98 -0.91 2.87
O MSE B 27 20.95 -1.09 3.63
CB MSE B 27 19.90 0.93 1.15
CG MSE B 27 20.24 1.47 -0.26
SE MSE B 27 21.98 0.96 -0.93
CE MSE B 27 21.44 0.68 -2.78
N LYS B 28 18.73 -1.02 3.34
CA LYS B 28 18.57 -1.36 4.76
C LYS B 28 19.18 -2.71 5.11
N THR B 29 19.28 -3.62 4.13
CA THR B 29 19.83 -4.93 4.41
C THR B 29 21.35 -4.97 4.25
N PHE B 30 21.93 -4.27 3.28
CA PHE B 30 23.36 -4.44 2.96
C PHE B 30 24.29 -3.23 3.14
N ALA B 31 23.73 -2.01 3.12
CA ALA B 31 24.55 -0.81 3.12
C ALA B 31 24.89 -0.31 4.52
N PRO B 32 26.02 0.39 4.65
CA PRO B 32 26.23 1.13 5.89
C PRO B 32 25.24 2.30 6.02
N PRO B 33 25.03 2.79 7.25
CA PRO B 33 24.02 3.78 7.56
C PRO B 33 24.08 5.06 6.76
N GLU B 34 25.23 5.34 6.16
CA GLU B 34 25.37 6.50 5.30
C GLU B 34 24.37 6.54 4.16
N TRP B 35 23.83 5.38 3.76
CA TRP B 35 22.81 5.34 2.73
C TRP B 35 21.64 6.25 3.05
N MSE B 36 21.31 6.41 4.33
CA MSE B 36 20.21 7.26 4.75
C MSE B 36 20.45 8.74 4.49
O MSE B 36 19.54 9.43 4.10
CB MSE B 36 19.87 7.01 6.23
CG MSE B 36 19.27 5.63 6.46
SE MSE B 36 18.80 5.25 8.32
CE MSE B 36 20.31 5.31 9.12
N ALA B 37 21.68 9.21 4.64
CA ALA B 37 22.01 10.60 4.29
C ALA B 37 21.86 10.83 2.77
N LEU B 38 22.18 9.85 1.96
CA LEU B 38 22.06 9.99 0.50
C LEU B 38 20.59 9.98 0.12
N LYS B 39 19.85 9.04 0.69
CA LYS B 39 18.40 9.00 0.45
C LYS B 39 17.77 10.33 0.86
N ASP B 40 18.09 10.82 2.04
CA ASP B 40 17.55 12.07 2.46
C ASP B 40 17.93 13.24 1.54
N GLY B 41 19.13 13.24 1.01
CA GLY B 41 19.54 14.26 0.06
C GLY B 41 18.77 14.15 -1.25
N VAL B 42 18.34 12.95 -1.61
CA VAL B 42 17.50 12.83 -2.78
C VAL B 42 16.13 13.50 -2.49
N LEU B 43 15.48 13.09 -1.40
CA LEU B 43 14.20 13.67 -0.98
C LEU B 43 14.23 15.18 -0.79
N SER B 44 15.30 15.69 -0.21
CA SER B 44 15.43 17.11 -0.02
C SER B 44 15.81 17.82 -1.31
N LYS B 45 16.09 17.06 -2.38
CA LYS B 45 16.49 17.60 -3.69
C LYS B 45 17.84 18.31 -3.67
N THR B 46 18.63 17.97 -2.67
CA THR B 46 20.02 18.37 -2.62
C THR B 46 20.84 17.58 -3.61
N LEU B 47 20.45 16.32 -3.79
CA LEU B 47 21.09 15.40 -4.76
C LEU B 47 20.04 14.96 -5.73
N SER B 48 20.41 14.81 -7.00
CA SER B 48 19.50 14.18 -7.96
C SER B 48 19.30 12.73 -7.63
N ILE B 49 18.26 12.15 -8.20
CA ILE B 49 18.03 10.75 -8.14
C ILE B 49 19.21 10.00 -8.72
N LYS B 50 19.72 10.48 -9.84
CA LYS B 50 20.82 9.81 -10.48
C LYS B 50 22.06 9.80 -9.58
N GLU B 51 22.39 10.94 -8.98
CA GLU B 51 23.56 11.03 -8.14
C GLU B 51 23.37 10.25 -6.82
N GLY B 52 22.24 10.48 -6.18
CA GLY B 52 21.87 9.77 -4.97
C GLY B 52 21.88 8.26 -5.10
N VAL B 53 21.13 7.73 -6.04
CA VAL B 53 21.04 6.28 -6.20
C VAL B 53 22.38 5.67 -6.62
N GLY B 54 23.11 6.36 -7.47
CA GLY B 54 24.43 5.89 -7.89
C GLY B 54 25.35 5.76 -6.69
N ARG B 55 25.32 6.77 -5.82
CA ARG B 55 26.17 6.77 -4.62
C ARG B 55 25.74 5.70 -3.60
N MSE B 56 24.45 5.40 -3.52
CA MSE B 56 23.95 4.38 -2.64
C MSE B 56 24.46 3.04 -3.10
O MSE B 56 25.08 2.31 -2.34
CB MSE B 56 22.39 4.40 -2.55
CG MSE B 56 21.82 5.52 -1.69
SE MSE B 56 19.83 5.44 -1.85
CE MSE B 56 19.64 7.10 -2.59
N PHE B 57 24.23 2.70 -4.37
CA PHE B 57 24.73 1.45 -4.85
C PHE B 57 26.27 1.35 -4.74
N GLY B 58 26.95 2.48 -4.95
CA GLY B 58 28.40 2.63 -4.85
C GLY B 58 29.00 2.32 -3.48
N LEU B 59 28.14 2.25 -2.47
CA LEU B 59 28.52 1.78 -1.15
C LEU B 59 28.74 0.27 -1.03
N LEU B 60 28.20 -0.49 -1.99
CA LEU B 60 28.10 -1.93 -1.91
C LEU B 60 29.17 -2.58 -2.76
N PRO B 61 29.97 -3.47 -2.13
CA PRO B 61 30.95 -4.25 -2.87
C PRO B 61 30.27 -5.10 -3.92
N SER B 62 30.84 -5.17 -5.11
CA SER B 62 30.23 -5.95 -6.21
C SER B 62 30.17 -7.47 -5.92
N SER B 63 30.93 -7.90 -4.91
CA SER B 63 30.95 -9.28 -4.42
C SER B 63 29.63 -9.74 -3.79
N LEU B 64 28.78 -8.80 -3.45
CA LEU B 64 27.46 -9.08 -2.92
C LEU B 64 26.40 -9.44 -4.00
N LYS B 65 26.79 -9.43 -5.26
CA LYS B 65 25.88 -9.62 -6.37
C LYS B 65 24.83 -10.70 -6.12
N GLU B 66 25.27 -11.93 -5.90
CA GLU B 66 24.32 -13.03 -5.77
C GLU B 66 23.49 -12.94 -4.48
N GLU B 67 24.11 -12.48 -3.40
CA GLU B 67 23.39 -12.29 -2.16
C GLU B 67 22.27 -11.25 -2.29
N ILE B 68 22.56 -10.13 -2.93
CA ILE B 68 21.54 -9.06 -3.16
C ILE B 68 20.41 -9.56 -4.09
N THR B 69 20.78 -10.28 -5.12
CA THR B 69 19.81 -10.84 -6.05
C THR B 69 18.87 -11.82 -5.35
N SER B 70 19.43 -12.74 -4.57
CA SER B 70 18.60 -13.72 -3.93
C SER B 70 17.72 -13.05 -2.88
N PHE B 71 18.23 -12.03 -2.19
CA PHE B 71 17.39 -11.25 -1.25
C PHE B 71 16.22 -10.62 -1.95
N VAL B 72 16.46 -9.89 -3.03
CA VAL B 72 15.38 -9.17 -3.73
C VAL B 72 14.31 -10.14 -4.27
N LEU B 73 14.72 -11.27 -4.85
CA LEU B 73 13.78 -12.23 -5.39
C LEU B 73 12.91 -12.90 -4.34
N GLU B 74 13.50 -13.14 -3.17
CA GLU B 74 12.72 -13.62 -2.04
C GLU B 74 11.84 -12.48 -1.47
N ASP B 75 12.35 -11.24 -1.39
CA ASP B 75 11.67 -10.08 -0.73
C ASP B 75 10.52 -9.42 -1.56
N ALA B 76 10.75 -9.16 -2.84
CA ALA B 76 9.78 -8.37 -3.62
C ALA B 76 8.46 -9.15 -3.90
N LYS B 77 7.33 -8.48 -3.65
CA LYS B 77 6.00 -9.04 -3.81
C LYS B 77 5.19 -8.23 -4.82
N ILE B 78 4.57 -8.97 -5.73
CA ILE B 78 3.97 -8.44 -6.93
C ILE B 78 2.52 -8.21 -6.56
N ARG B 79 2.00 -7.08 -6.98
CA ARG B 79 0.68 -6.68 -6.56
C ARG B 79 -0.35 -7.66 -7.18
N GLU B 80 -1.47 -7.88 -6.50
CA GLU B 80 -2.45 -8.87 -6.92
C GLU B 80 -3.05 -8.56 -8.27
N GLY B 81 -3.23 -9.61 -9.09
CA GLY B 81 -3.84 -9.46 -10.39
C GLY B 81 -2.89 -9.09 -11.52
N PHE B 82 -1.61 -8.95 -11.24
CA PHE B 82 -0.71 -8.37 -12.23
C PHE B 82 -0.59 -9.28 -13.48
N ARG B 83 -0.31 -10.55 -13.26
CA ARG B 83 -0.21 -11.53 -14.36
C ARG B 83 -1.45 -11.59 -15.24
N GLU B 84 -2.61 -11.62 -14.59
CA GLU B 84 -3.88 -11.62 -15.30
C GLU B 84 -4.07 -10.33 -16.09
N PHE B 85 -3.63 -9.21 -15.52
CA PHE B 85 -3.70 -7.96 -16.24
C PHE B 85 -2.83 -8.05 -17.50
N VAL B 86 -1.65 -8.62 -17.39
CA VAL B 86 -0.72 -8.65 -18.52
C VAL B 86 -1.22 -9.63 -19.59
N ALA B 87 -1.80 -10.73 -19.14
CA ALA B 87 -2.42 -11.68 -20.06
C ALA B 87 -3.52 -11.01 -20.88
N PHE B 88 -4.32 -10.17 -20.23
CA PHE B 88 -5.41 -9.53 -20.90
C PHE B 88 -4.88 -8.59 -21.97
N ILE B 89 -3.89 -7.78 -21.65
CA ILE B 89 -3.46 -6.77 -22.61
C ILE B 89 -2.69 -7.39 -23.78
N ASN B 90 -1.96 -8.47 -23.51
CA ASN B 90 -1.28 -9.27 -24.54
C ASN B 90 -2.29 -9.89 -25.51
N GLU B 91 -3.30 -10.56 -24.96
CA GLU B 91 -4.38 -11.13 -25.75
C GLU B 91 -4.95 -10.11 -26.73
N HIS B 92 -5.05 -8.85 -26.29
CA HIS B 92 -5.62 -7.81 -27.12
C HIS B 92 -4.56 -6.97 -27.87
N GLU B 93 -3.32 -7.42 -27.83
CA GLU B 93 -2.20 -6.73 -28.49
C GLU B 93 -2.12 -5.21 -28.18
N ILE B 94 -2.37 -4.87 -26.91
CA ILE B 94 -2.19 -3.54 -26.42
C ILE B 94 -0.71 -3.44 -25.97
N PRO B 95 0.06 -2.50 -26.54
CA PRO B 95 1.43 -2.33 -26.08
C PRO B 95 1.53 -2.01 -24.57
N PHE B 96 2.46 -2.69 -23.90
CA PHE B 96 2.70 -2.57 -22.49
C PHE B 96 4.22 -2.48 -22.23
N TYR B 97 4.64 -1.36 -21.63
CA TYR B 97 6.04 -1.10 -21.30
C TYR B 97 6.19 -0.77 -19.82
N VAL B 98 7.20 -1.38 -19.21
CA VAL B 98 7.58 -1.03 -17.84
C VAL B 98 8.73 -0.01 -17.89
N ILE B 99 8.61 1.07 -17.14
CA ILE B 99 9.68 2.06 -17.03
C ILE B 99 9.99 2.20 -15.56
N SER B 100 11.24 1.91 -15.19
CA SER B 100 11.62 1.71 -13.82
C SER B 100 12.96 2.38 -13.48
N GLY B 101 13.05 2.94 -12.29
CA GLY B 101 14.30 3.49 -11.77
C GLY B 101 15.15 2.39 -11.16
N GLY B 102 14.63 1.17 -11.12
CA GLY B 102 15.35 0.02 -10.58
C GLY B 102 16.41 -0.51 -11.52
N MSE B 103 17.02 -1.63 -11.13
CA MSE B 103 18.20 -2.18 -11.77
C MSE B 103 17.84 -3.50 -12.42
O MSE B 103 17.13 -4.32 -11.80
CB MSE B 103 19.36 -2.48 -10.78
CG MSE B 103 19.79 -1.32 -9.97
SE MSE B 103 20.46 0.05 -11.12
CE MSE B 103 19.71 1.53 -10.18
N ASP B 104 18.38 -3.72 -13.62
CA ASP B 104 18.14 -4.92 -14.43
C ASP B 104 18.26 -6.23 -13.65
N PHE B 105 19.26 -6.32 -12.77
CA PHE B 105 19.57 -7.58 -12.08
C PHE B 105 18.47 -8.07 -11.17
N PHE B 106 17.55 -7.18 -10.78
CA PHE B 106 16.30 -7.59 -10.13
C PHE B 106 15.01 -7.36 -10.86
N VAL B 107 14.95 -6.34 -11.71
CA VAL B 107 13.72 -6.07 -12.46
C VAL B 107 13.43 -7.12 -13.50
N TYR B 108 14.46 -7.55 -14.22
CA TYR B 108 14.26 -8.62 -15.15
C TYR B 108 13.76 -9.92 -14.52
N PRO B 109 14.48 -10.50 -13.55
CA PRO B 109 13.99 -11.79 -13.06
C PRO B 109 12.63 -11.69 -12.35
N LEU B 110 12.36 -10.57 -11.69
CA LEU B 110 11.04 -10.39 -11.10
C LEU B 110 9.94 -10.39 -12.14
N LEU B 111 10.23 -9.97 -13.38
CA LEU B 111 9.22 -9.94 -14.44
C LEU B 111 9.33 -11.09 -15.42
N GLU B 112 10.26 -11.99 -15.16
CA GLU B 112 10.50 -13.10 -16.09
C GLU B 112 9.24 -13.90 -16.21
N GLY B 113 8.90 -14.20 -17.44
CA GLY B 113 7.73 -14.94 -17.73
C GLY B 113 6.52 -14.05 -17.82
N ILE B 114 6.67 -12.75 -17.59
CA ILE B 114 5.52 -11.85 -17.61
C ILE B 114 5.70 -10.73 -18.62
N VAL B 115 6.82 -10.01 -18.50
CA VAL B 115 7.17 -8.94 -19.40
C VAL B 115 8.56 -9.25 -19.95
N GLU B 116 8.70 -9.19 -21.28
CA GLU B 116 9.99 -9.40 -21.93
C GLU B 116 10.94 -8.21 -21.75
N LYS B 117 12.23 -8.50 -21.83
CA LYS B 117 13.28 -7.51 -21.72
C LYS B 117 13.07 -6.31 -22.67
N ASP B 118 12.63 -6.56 -23.90
CA ASP B 118 12.44 -5.47 -24.87
C ASP B 118 11.22 -4.58 -24.57
N ARG B 119 10.56 -4.80 -23.44
CA ARG B 119 9.43 -3.95 -22.99
C ARG B 119 9.73 -3.40 -21.63
N ILE B 120 10.99 -3.45 -21.25
CA ILE B 120 11.42 -2.98 -19.94
C ILE B 120 12.53 -1.94 -20.12
N TYR B 121 12.27 -0.72 -19.65
CA TYR B 121 13.28 0.35 -19.58
C TYR B 121 13.69 0.50 -18.12
N CYS B 122 14.93 0.16 -17.81
CA CYS B 122 15.39 0.32 -16.44
C CYS B 122 16.88 0.59 -16.46
N ASN B 123 17.47 0.71 -15.29
CA ASN B 123 18.89 0.96 -15.22
C ASN B 123 19.70 -0.31 -15.13
N HIS B 124 21.02 -0.15 -15.23
CA HIS B 124 21.95 -1.27 -15.27
C HIS B 124 22.97 -1.17 -14.14
N ALA B 125 23.07 -2.23 -13.35
CA ALA B 125 24.13 -2.37 -12.33
C ALA B 125 25.23 -3.26 -12.86
N SER B 126 26.45 -2.75 -12.83
CA SER B 126 27.66 -3.44 -13.27
C SER B 126 28.38 -3.92 -12.02
N PHE B 127 28.77 -5.17 -12.03
CA PHE B 127 29.54 -5.77 -10.94
C PHE B 127 30.98 -6.02 -11.28
N ASP B 128 31.51 -5.28 -12.25
CA ASP B 128 32.85 -5.53 -12.75
C ASP B 128 33.95 -4.83 -11.96
N ASN B 129 33.61 -3.78 -11.22
CA ASN B 129 34.58 -3.09 -10.35
C ASN B 129 34.41 -3.52 -8.90
N ASP B 130 35.27 -3.06 -8.01
CA ASP B 130 35.17 -3.48 -6.61
C ASP B 130 33.81 -3.17 -5.99
N TYR B 131 33.25 -2.02 -6.35
CA TYR B 131 31.94 -1.57 -5.89
C TYR B 131 30.97 -1.41 -7.04
N ILE B 132 29.68 -1.55 -6.73
CA ILE B 132 28.64 -1.59 -7.74
C ILE B 132 28.62 -0.23 -8.44
N HIS B 133 28.58 -0.28 -9.77
CA HIS B 133 28.53 0.89 -10.62
C HIS B 133 27.24 0.93 -11.42
N ILE B 134 26.60 2.08 -11.52
CA ILE B 134 25.31 2.15 -12.24
C ILE B 134 25.53 2.79 -13.60
N ASP B 135 25.06 2.13 -14.65
CA ASP B 135 24.89 2.79 -15.97
C ASP B 135 23.39 3.15 -16.19
N TRP B 136 23.17 4.26 -16.88
CA TRP B 136 21.84 4.85 -17.05
C TRP B 136 21.52 4.98 -18.52
N PRO B 137 21.09 3.88 -19.15
CA PRO B 137 20.91 3.87 -20.60
C PRO B 137 19.71 4.68 -21.10
N HIS B 138 18.84 5.12 -20.20
CA HIS B 138 17.63 5.78 -20.59
C HIS B 138 17.56 7.17 -19.89
N SER B 139 18.66 7.91 -19.91
CA SER B 139 18.72 9.14 -19.15
C SER B 139 18.00 10.27 -19.90
N CYS B 140 17.87 11.39 -19.22
CA CYS B 140 17.09 12.53 -19.67
C CYS B 140 17.52 13.02 -21.02
N LYS B 141 16.52 13.36 -21.84
CA LYS B 141 16.76 13.93 -23.13
C LYS B 141 15.82 15.14 -23.28
N GLY B 142 15.96 15.89 -24.36
CA GLY B 142 15.07 17.02 -24.66
C GLY B 142 15.14 18.11 -23.59
N THR B 143 13.99 18.50 -23.06
CA THR B 143 13.94 19.61 -22.11
C THR B 143 14.10 19.19 -20.64
N CYS B 144 14.09 17.88 -20.36
CA CYS B 144 14.21 17.40 -18.97
C CYS B 144 15.57 17.69 -18.37
N SER B 145 15.57 18.44 -17.28
CA SER B 145 16.83 18.78 -16.62
C SER B 145 16.93 18.20 -15.23
N ASN B 146 16.00 17.34 -14.82
CA ASN B 146 16.02 16.96 -13.41
C ASN B 146 16.74 15.67 -13.09
N GLN B 147 17.67 15.27 -13.98
CA GLN B 147 18.65 14.24 -13.63
C GLN B 147 18.02 12.98 -13.04
N CYS B 148 16.96 12.54 -13.74
CA CYS B 148 16.12 11.41 -13.34
C CYS B 148 16.81 10.08 -13.25
N GLY B 149 17.87 9.86 -14.01
CA GLY B 149 18.48 8.52 -14.08
C GLY B 149 17.86 7.74 -15.21
N CYS B 150 16.69 7.18 -14.94
CA CYS B 150 15.82 6.66 -15.98
C CYS B 150 14.67 7.69 -16.13
N CYS B 151 14.65 8.44 -17.25
CA CYS B 151 13.75 9.57 -17.42
C CYS B 151 12.44 9.14 -18.09
N LYS B 152 11.35 9.11 -17.34
CA LYS B 152 10.09 8.56 -17.88
C LYS B 152 9.55 9.46 -18.94
N PRO B 153 9.52 10.79 -18.67
CA PRO B 153 9.10 11.65 -19.77
C PRO B 153 9.89 11.43 -21.08
N SER B 154 11.20 11.37 -21.00
CA SER B 154 12.03 11.13 -22.19
C SER B 154 11.67 9.81 -22.89
N VAL B 155 11.46 8.75 -22.10
CA VAL B 155 11.08 7.45 -22.70
C VAL B 155 9.68 7.51 -23.32
N ILE B 156 8.76 8.15 -22.64
CA ILE B 156 7.41 8.32 -23.24
C ILE B 156 7.50 9.04 -24.58
N HIS B 157 8.25 10.12 -24.62
CA HIS B 157 8.45 10.78 -25.89
C HIS B 157 9.10 9.87 -26.94
N GLU B 158 10.10 9.07 -26.57
CA GLU B 158 10.73 8.16 -27.54
CA GLU B 158 10.75 8.06 -27.47
C GLU B 158 9.72 7.11 -28.09
N LEU B 159 8.72 6.76 -27.28
CA LEU B 159 7.68 5.78 -27.65
C LEU B 159 6.43 6.38 -28.27
N SER B 160 6.35 7.70 -28.29
CA SER B 160 5.16 8.42 -28.82
CA SER B 160 5.13 8.33 -28.80
C SER B 160 5.06 8.30 -30.33
N GLU B 161 3.83 8.13 -30.83
CA GLU B 161 3.51 8.14 -32.23
C GLU B 161 2.09 8.67 -32.40
N PRO B 162 1.73 9.02 -33.63
CA PRO B 162 0.34 9.40 -33.86
C PRO B 162 -0.64 8.33 -33.42
N ASN B 163 -1.87 8.77 -33.14
CA ASN B 163 -3.01 7.90 -32.88
C ASN B 163 -2.91 6.99 -31.66
N GLN B 164 -2.22 7.44 -30.60
CA GLN B 164 -2.13 6.67 -29.35
C GLN B 164 -3.08 7.20 -28.27
N TYR B 165 -3.60 6.29 -27.46
CA TYR B 165 -4.28 6.65 -26.23
C TYR B 165 -3.36 6.18 -25.10
N ILE B 166 -2.60 7.10 -24.52
CA ILE B 166 -1.55 6.74 -23.54
C ILE B 166 -2.11 6.55 -22.14
N ILE B 167 -1.88 5.36 -21.60
CA ILE B 167 -2.38 4.99 -20.29
C ILE B 167 -1.18 4.73 -19.42
N MSE B 168 -1.11 5.49 -18.35
CA MSE B 168 0.18 5.54 -17.44
CA MSE B 168 0.03 5.45 -17.52
C MSE B 168 -0.38 4.89 -16.16
O MSE B 168 -1.43 5.21 -15.66
CB MSE B 168 0.75 6.91 -17.12
CB MSE B 168 0.58 6.86 -17.59
CG MSE B 168 2.12 6.89 -16.41
CG MSE B 168 0.89 7.53 -16.44
SE MSE B 168 1.99 7.21 -14.51
SE MSE B 168 2.58 6.93 -15.79
CE MSE B 168 3.69 6.43 -14.03
CE MSE B 168 1.92 7.28 -14.33
N ILE B 169 0.42 3.97 -15.62
CA ILE B 169 0.09 3.35 -14.37
C ILE B 169 1.20 3.57 -13.35
N GLY B 170 0.87 4.12 -12.19
CA GLY B 170 1.88 4.47 -11.22
C GLY B 170 1.37 4.71 -9.81
N ASP B 171 2.31 5.16 -8.99
CA ASP B 171 2.07 5.36 -7.56
C ASP B 171 2.85 6.52 -6.91
N SER B 172 3.97 6.87 -7.50
CA SER B 172 4.92 7.77 -6.88
C SER B 172 4.65 9.24 -7.21
N VAL B 173 4.78 10.09 -6.20
CA VAL B 173 4.55 11.52 -6.38
C VAL B 173 5.51 12.06 -7.49
N THR B 174 6.67 11.43 -7.64
CA THR B 174 7.67 11.80 -8.62
C THR B 174 7.23 11.57 -10.09
N ASP B 175 6.07 10.96 -10.33
CA ASP B 175 5.64 10.64 -11.71
C ASP B 175 4.48 11.45 -12.20
N VAL B 176 4.24 12.60 -11.56
CA VAL B 176 3.24 13.55 -12.02
C VAL B 176 3.51 14.02 -13.47
N GLU B 177 4.76 14.30 -13.83
CA GLU B 177 5.10 14.66 -15.22
C GLU B 177 4.74 13.58 -16.22
N ALA B 178 5.10 12.33 -15.92
CA ALA B 178 4.66 11.22 -16.74
C ALA B 178 3.15 11.16 -16.86
N ALA B 179 2.46 11.33 -15.74
CA ALA B 179 1.02 11.28 -15.71
C ALA B 179 0.42 12.38 -16.57
N LYS B 180 1.06 13.55 -16.58
CA LYS B 180 0.60 14.67 -17.39
C LYS B 180 0.73 14.39 -18.88
N LEU B 181 1.63 13.50 -19.28
CA LEU B 181 1.73 13.11 -20.69
C LEU B 181 0.73 12.04 -21.08
N SER B 182 0.05 11.43 -20.09
CA SER B 182 -0.93 10.39 -20.34
C SER B 182 -2.27 10.97 -20.77
N ASP B 183 -3.06 10.19 -21.50
CA ASP B 183 -4.48 10.51 -21.67
C ASP B 183 -5.33 10.04 -20.50
N LEU B 184 -4.85 9.01 -19.81
CA LEU B 184 -5.47 8.50 -18.60
C LEU B 184 -4.39 7.96 -17.68
N CYS B 185 -4.51 8.23 -16.39
CA CYS B 185 -3.58 7.66 -15.41
C CYS B 185 -4.31 6.78 -14.40
N PHE B 186 -3.81 5.57 -14.20
CA PHE B 186 -4.21 4.75 -13.05
C PHE B 186 -3.23 5.04 -11.94
N ALA B 187 -3.75 5.56 -10.83
CA ALA B 187 -2.92 5.99 -9.73
C ALA B 187 -3.36 5.42 -8.38
N ARG B 188 -2.37 5.18 -7.55
CA ARG B 188 -2.58 4.92 -6.16
C ARG B 188 -1.60 5.78 -5.39
N ASP B 189 -1.71 5.74 -4.06
CA ASP B 189 -0.85 6.49 -3.14
C ASP B 189 -0.73 7.95 -3.57
N TYR B 190 0.45 8.57 -3.44
CA TYR B 190 0.53 10.01 -3.60
C TYR B 190 0.31 10.42 -5.05
N LEU B 191 0.64 9.55 -6.00
CA LEU B 191 0.29 9.88 -7.39
C LEU B 191 -1.22 10.09 -7.51
N LEU B 192 -2.02 9.33 -6.76
CA LEU B 192 -3.48 9.57 -6.84
C LEU B 192 -3.87 10.96 -6.35
N ASN B 193 -3.27 11.37 -5.25
CA ASN B 193 -3.59 12.70 -4.72
C ASN B 193 -3.19 13.80 -5.73
N GLU B 194 -2.04 13.64 -6.36
CA GLU B 194 -1.56 14.56 -7.41
C GLU B 194 -2.52 14.60 -8.59
N CYS B 195 -2.89 13.45 -9.14
CA CYS B 195 -3.91 13.42 -10.20
C CYS B 195 -5.21 14.10 -9.82
N ARG B 196 -5.66 13.94 -8.57
CA ARG B 196 -6.88 14.59 -8.06
CA ARG B 196 -6.88 14.60 -8.12
C ARG B 196 -6.64 16.10 -7.98
N GLU B 197 -5.55 16.48 -7.33
CA GLU B 197 -5.25 17.89 -7.12
C GLU B 197 -5.04 18.68 -8.41
N GLN B 198 -4.38 18.07 -9.38
CA GLN B 198 -4.05 18.77 -10.62
C GLN B 198 -4.99 18.44 -11.75
N ASN B 199 -6.17 17.91 -11.42
CA ASN B 199 -7.19 17.55 -12.42
C ASN B 199 -6.68 16.75 -13.62
N LEU B 200 -5.84 15.75 -13.40
CA LEU B 200 -5.46 14.84 -14.49
C LEU B 200 -6.52 13.71 -14.58
N ASN B 201 -6.94 13.41 -15.81
CA ASN B 201 -7.85 12.31 -16.09
C ASN B 201 -7.25 11.04 -15.47
N HIS B 202 -7.93 10.44 -14.50
CA HIS B 202 -7.36 9.30 -13.76
C HIS B 202 -8.45 8.39 -13.23
N LEU B 203 -8.01 7.22 -12.76
CA LEU B 203 -8.86 6.30 -12.05
C LEU B 203 -8.01 5.75 -10.94
N PRO B 204 -8.60 5.60 -9.74
CA PRO B 204 -7.85 5.04 -8.64
C PRO B 204 -7.78 3.54 -8.76
N TYR B 205 -6.85 2.93 -8.07
CA TYR B 205 -6.78 1.48 -8.00
C TYR B 205 -6.06 1.07 -6.77
N GLN B 206 -6.33 -0.14 -6.31
CA GLN B 206 -5.49 -0.76 -5.28
C GLN B 206 -4.72 -1.99 -5.76
N ASP B 207 -5.27 -2.72 -6.72
CA ASP B 207 -4.55 -3.83 -7.33
C ASP B 207 -4.85 -3.91 -8.84
N PHE B 208 -4.21 -4.85 -9.51
CA PHE B 208 -4.36 -5.00 -10.96
C PHE B 208 -5.63 -5.74 -11.40
N TYR B 209 -6.30 -6.42 -10.47
CA TYR B 209 -7.62 -6.97 -10.77
C TYR B 209 -8.54 -5.79 -11.09
N GLU B 210 -8.42 -4.74 -10.29
CA GLU B 210 -9.22 -3.54 -10.48
C GLU B 210 -8.83 -2.80 -11.74
N ILE B 211 -7.53 -2.67 -12.00
CA ILE B 211 -7.12 -2.04 -13.27
C ILE B 211 -7.67 -2.82 -14.50
N ARG B 212 -7.58 -4.13 -14.49
CA ARG B 212 -8.09 -4.92 -15.59
C ARG B 212 -9.60 -4.69 -15.80
N LYS B 213 -10.34 -4.69 -14.72
CA LYS B 213 -11.80 -4.49 -14.81
C LYS B 213 -12.12 -3.09 -15.39
N GLU B 214 -11.48 -2.06 -14.85
CA GLU B 214 -11.72 -0.67 -15.25
C GLU B 214 -11.23 -0.35 -16.65
N ILE B 215 -10.06 -0.87 -17.00
CA ILE B 215 -9.45 -0.56 -18.28
C ILE B 215 -10.32 -1.06 -19.46
N GLU B 216 -10.92 -2.22 -19.26
CA GLU B 216 -11.83 -2.82 -20.24
C GLU B 216 -13.04 -1.93 -20.52
N ASN B 217 -13.46 -1.15 -19.53
CA ASN B 217 -14.60 -0.26 -19.66
C ASN B 217 -14.26 1.18 -20.04
N VAL B 218 -12.98 1.49 -20.25
CA VAL B 218 -12.60 2.83 -20.73
C VAL B 218 -13.12 2.99 -22.18
N LYS B 219 -13.87 4.07 -22.42
CA LYS B 219 -14.54 4.28 -23.70
C LYS B 219 -13.60 4.08 -24.89
N GLU B 220 -12.43 4.73 -24.85
CA GLU B 220 -11.48 4.69 -25.97
C GLU B 220 -10.88 3.30 -26.18
N VAL B 221 -10.77 2.55 -25.10
CA VAL B 221 -10.28 1.18 -25.15
C VAL B 221 -11.35 0.28 -25.78
N GLN B 222 -12.58 0.40 -25.29
CA GLN B 222 -13.71 -0.34 -25.86
C GLN B 222 -13.83 -0.11 -27.35
N GLU B 223 -13.80 1.17 -27.75
CA GLU B 223 -13.81 1.55 -29.16
C GLU B 223 -12.75 0.81 -29.93
N TRP B 224 -11.52 0.86 -29.44
CA TRP B 224 -10.42 0.22 -30.12
C TRP B 224 -10.58 -1.30 -30.23
N LEU B 225 -11.03 -1.93 -29.14
CA LEU B 225 -11.29 -3.37 -29.18
C LEU B 225 -12.40 -3.68 -30.20
N GLN B 226 -13.46 -2.87 -30.22
CA GLN B 226 -14.59 -3.11 -31.13
C GLN B 226 -14.23 -2.95 -32.63
N ASN B 227 -13.40 -1.96 -32.98
CA ASN B 227 -12.88 -1.84 -34.35
C ASN B 227 -12.00 -3.04 -34.72
MG MG C . -8.15 -2.20 7.64
ZN ZN D . -19.61 5.33 15.34
C1 EDO E . -16.89 2.13 23.54
O1 EDO E . -17.48 2.71 24.69
C2 EDO E . -17.86 2.33 22.39
O2 EDO E . -19.04 1.55 22.61
C1 EDO F . -11.75 -5.00 25.74
O1 EDO F . -12.03 -5.61 27.00
C2 EDO F . -12.93 -5.30 24.83
O2 EDO F . -14.10 -5.08 25.61
C1 EDO G . -4.37 -11.34 5.98
O1 EDO G . -5.35 -12.15 5.26
C2 EDO G . -2.95 -11.26 5.37
O2 EDO G . -2.50 -12.48 4.75
C1 EDO H . -16.08 -4.77 3.97
O1 EDO H . -16.43 -3.39 4.01
C2 EDO H . -14.91 -5.03 4.90
O2 EDO H . -13.72 -4.71 4.21
MG MG I . 6.98 3.75 -7.82
ZN ZN J . 14.44 13.45 -16.91
C1 EDO K . 35.31 -6.62 -1.65
O1 EDO K . 34.23 -7.43 -1.11
C2 EDO K . 35.37 -5.19 -1.04
O2 EDO K . 36.01 -4.31 -1.97
C1 EDO L . 13.83 -1.52 -23.78
O1 EDO L . 13.96 -1.89 -25.16
C2 EDO L . 15.21 -1.25 -23.23
O2 EDO L . 16.00 -0.69 -24.28
C1 EDO M . 14.68 4.57 -3.81
O1 EDO M . 13.56 5.24 -3.23
C2 EDO M . 15.64 5.63 -4.31
O2 EDO M . 15.77 6.70 -3.38
C1 EDO N . 7.65 -8.50 -28.47
O1 EDO N . 8.65 -7.84 -29.29
C2 EDO N . 7.31 -7.67 -27.22
O2 EDO N . 7.78 -8.21 -25.96
C1 EDO O . 23.71 9.07 7.40
O1 EDO O . 23.19 7.91 8.07
C2 EDO O . 24.99 9.60 8.06
O2 EDO O . 25.12 9.01 9.38
C1 EDO P . 15.17 7.66 -24.41
O1 EDO P . 15.13 6.28 -24.00
C2 EDO P . 15.38 8.51 -23.17
O2 EDO P . 16.74 8.48 -22.76
#